data_6SWS
#
_entry.id   6SWS
#
_cell.length_a   87.169
_cell.length_b   87.169
_cell.length_c   234.075
_cell.angle_alpha   90.000
_cell.angle_beta   90.000
_cell.angle_gamma   90.000
#
_symmetry.space_group_name_H-M   'P 43 2 2'
#
_entity_poly.entity_id   1
_entity_poly.type   'polypeptide(L)'
_entity_poly.pdbx_seq_one_letter_code
;SNAMVVQPDRIRCGAETTVYVIVRCKLDDRVATEAEFSPEDSPSVRMEAKVENEYTISVKAPNLSSGNVSLKIYSGDLVV
CETVISYYTDMEEIGNLLSNAANPVEFMCQAFK
;
_entity_poly.pdbx_strand_id   A,B,C,D,E
#
# COMPACT_ATOMS: atom_id res chain seq x y z
N SER A 1 10.82 0.23 -0.61
CA SER A 1 11.93 0.77 -1.38
C SER A 1 12.12 2.25 -1.10
N ASN A 2 12.46 3.01 -2.13
CA ASN A 2 12.58 4.46 -2.02
C ASN A 2 11.24 5.16 -2.16
N ALA A 3 10.19 4.43 -2.53
CA ALA A 3 8.85 5.00 -2.69
C ALA A 3 8.04 4.64 -1.45
N MET A 4 7.84 5.63 -0.58
CA MET A 4 7.00 5.43 0.60
C MET A 4 5.57 5.10 0.20
N VAL A 5 4.92 6.01 -0.51
CA VAL A 5 3.54 5.81 -0.96
C VAL A 5 3.43 6.25 -2.42
N VAL A 6 2.57 5.55 -3.15
CA VAL A 6 2.25 5.88 -4.53
C VAL A 6 0.73 5.92 -4.59
N GLN A 7 0.16 7.11 -4.59
CA GLN A 7 -1.29 7.26 -4.47
C GLN A 7 -1.80 8.21 -5.54
N PRO A 8 -2.82 7.82 -6.32
CA PRO A 8 -3.44 6.51 -6.21
C PRO A 8 -2.67 5.42 -6.97
N ASP A 9 -2.76 4.18 -6.49
CA ASP A 9 -2.18 3.04 -7.19
C ASP A 9 -3.18 2.35 -8.10
N ARG A 10 -4.41 2.87 -8.18
CA ARG A 10 -5.42 2.37 -9.11
C ARG A 10 -5.99 3.56 -9.87
N ILE A 11 -6.20 3.38 -11.17
CA ILE A 11 -6.63 4.46 -12.05
C ILE A 11 -7.77 3.98 -12.93
N ARG A 12 -8.87 4.72 -12.92
CA ARG A 12 -9.99 4.42 -13.80
C ARG A 12 -9.61 4.76 -15.24
N CYS A 13 -10.08 3.95 -16.18
CA CYS A 13 -9.54 4.00 -17.54
C CYS A 13 -9.80 5.35 -18.21
N GLY A 14 -11.06 5.80 -18.24
CA GLY A 14 -11.37 7.04 -18.91
C GLY A 14 -10.96 8.29 -18.17
N ALA A 15 -10.93 8.25 -16.84
CA ALA A 15 -10.72 9.44 -16.03
C ALA A 15 -9.26 9.85 -16.02
N GLU A 16 -8.97 11.08 -16.43
CA GLU A 16 -7.63 11.63 -16.29
C GLU A 16 -7.27 11.73 -14.82
N THR A 17 -6.11 11.18 -14.46
CA THR A 17 -5.74 11.03 -13.06
C THR A 17 -4.29 11.44 -12.86
N THR A 18 -4.01 12.05 -11.71
CA THR A 18 -2.67 12.46 -11.33
C THR A 18 -2.17 11.53 -10.23
N VAL A 19 -0.98 10.97 -10.43
CA VAL A 19 -0.35 10.07 -9.47
C VAL A 19 0.71 10.84 -8.70
N TYR A 20 0.72 10.66 -7.38
CA TYR A 20 1.69 11.29 -6.50
C TYR A 20 2.58 10.23 -5.87
N VAL A 21 3.89 10.44 -5.92
CA VAL A 21 4.87 9.51 -5.37
C VAL A 21 5.67 10.25 -4.29
N ILE A 22 5.63 9.73 -3.07
CA ILE A 22 6.43 10.26 -1.97
C ILE A 22 7.72 9.46 -1.89
N VAL A 23 8.85 10.15 -1.95
CA VAL A 23 10.17 9.51 -1.99
C VAL A 23 10.84 9.65 -0.63
N ARG A 24 11.67 8.66 -0.29
CA ARG A 24 12.41 8.66 0.97
C ARG A 24 13.70 9.47 0.91
N CYS A 25 14.16 9.84 -0.27
CA CYS A 25 15.42 10.57 -0.42
C CYS A 25 15.15 11.90 -1.10
N LYS A 26 15.93 12.91 -0.72
CA LYS A 26 15.73 14.24 -1.26
C LYS A 26 15.88 14.23 -2.78
N LEU A 27 15.01 14.98 -3.44
CA LEU A 27 15.01 15.07 -4.89
C LEU A 27 15.80 16.31 -5.31
N ASP A 28 16.56 16.18 -6.40
CA ASP A 28 17.27 17.33 -6.95
C ASP A 28 16.27 18.18 -7.73
N ASP A 29 16.03 19.40 -7.24
CA ASP A 29 15.07 20.28 -7.90
C ASP A 29 15.53 20.67 -9.29
N ARG A 30 16.84 20.82 -9.49
CA ARG A 30 17.41 21.33 -10.73
C ARG A 30 17.73 20.22 -11.73
N VAL A 31 16.97 19.13 -11.73
CA VAL A 31 17.19 18.01 -12.64
C VAL A 31 15.86 17.65 -13.29
N ALA A 32 15.90 17.38 -14.60
CA ALA A 32 14.68 16.99 -15.31
C ALA A 32 14.20 15.64 -14.84
N THR A 33 12.91 15.54 -14.55
CA THR A 33 12.30 14.33 -14.02
C THR A 33 11.18 13.88 -14.94
N GLU A 34 11.13 12.58 -15.24
CA GLU A 34 10.12 12.03 -16.13
C GLU A 34 9.66 10.68 -15.61
N ALA A 35 8.59 10.17 -16.22
CA ALA A 35 7.98 8.91 -15.83
C ALA A 35 7.82 8.01 -17.04
N GLU A 36 7.80 6.71 -16.78
CA GLU A 36 7.72 5.69 -17.82
C GLU A 36 6.66 4.67 -17.39
N PHE A 37 5.57 4.61 -18.16
CA PHE A 37 4.47 3.68 -17.93
C PHE A 37 4.62 2.54 -18.93
N SER A 38 4.92 1.34 -18.43
CA SER A 38 5.05 0.17 -19.28
C SER A 38 3.81 -0.69 -19.13
N PRO A 39 2.94 -0.77 -20.12
CA PRO A 39 1.80 -1.69 -20.07
C PRO A 39 2.26 -3.12 -20.34
N GLU A 40 1.30 -4.04 -20.31
CA GLU A 40 1.63 -5.44 -20.53
C GLU A 40 1.93 -5.73 -21.99
N ASP A 41 0.99 -5.41 -22.88
CA ASP A 41 1.17 -5.70 -24.31
C ASP A 41 1.09 -4.42 -25.13
N SER A 42 1.99 -3.48 -24.88
CA SER A 42 2.01 -2.19 -25.56
C SER A 42 3.34 -1.50 -25.27
N PRO A 43 3.84 -0.67 -26.18
CA PRO A 43 5.09 0.05 -25.92
C PRO A 43 4.92 1.03 -24.75
N SER A 44 6.06 1.37 -24.15
CA SER A 44 6.07 2.24 -22.98
C SER A 44 5.75 3.68 -23.36
N VAL A 45 5.04 4.36 -22.47
CA VAL A 45 4.65 5.77 -22.64
C VAL A 45 5.45 6.61 -21.67
N ARG A 46 6.16 7.61 -22.19
CA ARG A 46 6.97 8.50 -21.37
C ARG A 46 6.24 9.82 -21.14
N MET A 47 6.20 10.27 -19.89
CA MET A 47 5.45 11.45 -19.49
C MET A 47 6.36 12.41 -18.73
N GLU A 48 6.10 13.70 -18.89
CA GLU A 48 6.77 14.69 -18.06
C GLU A 48 6.26 14.60 -16.63
N ALA A 49 7.18 14.53 -15.67
CA ALA A 49 6.85 14.39 -14.26
C ALA A 49 7.32 15.62 -13.51
N LYS A 50 6.42 16.23 -12.75
CA LYS A 50 6.71 17.44 -12.01
C LYS A 50 7.21 17.08 -10.61
N VAL A 51 8.34 17.68 -10.21
CA VAL A 51 8.85 17.56 -8.84
C VAL A 51 8.14 18.60 -7.97
N GLU A 52 7.16 18.13 -7.21
CA GLU A 52 6.37 19.04 -6.39
C GLU A 52 7.15 19.51 -5.17
N ASN A 53 7.93 18.63 -4.56
CA ASN A 53 8.85 19.09 -3.50
C ASN A 53 9.93 18.03 -3.29
N GLU A 54 10.82 18.31 -2.34
CA GLU A 54 11.99 17.48 -2.10
C GLU A 54 11.66 16.00 -1.97
N TYR A 55 10.42 15.66 -1.61
CA TYR A 55 10.02 14.28 -1.43
C TYR A 55 8.81 13.87 -2.27
N THR A 56 8.25 14.79 -3.06
CA THR A 56 6.99 14.54 -3.75
C THR A 56 7.11 14.78 -5.24
N ILE A 57 6.72 13.77 -6.04
CA ILE A 57 6.66 13.83 -7.49
C ILE A 57 5.20 13.69 -7.91
N SER A 58 4.81 14.41 -8.95
CA SER A 58 3.47 14.29 -9.52
C SER A 58 3.59 13.98 -11.00
N VAL A 59 2.69 13.13 -11.50
CA VAL A 59 2.69 12.78 -12.92
C VAL A 59 1.26 12.53 -13.37
N LYS A 60 0.89 13.13 -14.50
CA LYS A 60 -0.42 12.86 -15.11
C LYS A 60 -0.35 11.51 -15.83
N ALA A 61 -1.15 10.55 -15.36
CA ALA A 61 -1.08 9.19 -15.90
C ALA A 61 -1.76 9.13 -17.27
N PRO A 62 -1.16 8.44 -18.23
CA PRO A 62 -1.76 8.35 -19.56
C PRO A 62 -2.95 7.40 -19.58
N ASN A 63 -3.79 7.59 -20.59
CA ASN A 63 -4.98 6.76 -20.78
C ASN A 63 -4.57 5.42 -21.35
N LEU A 64 -4.43 4.42 -20.48
CA LEU A 64 -4.02 3.08 -20.86
C LEU A 64 -5.19 2.11 -20.69
N SER A 65 -5.03 0.92 -21.25
CA SER A 65 -6.04 -0.11 -21.10
C SER A 65 -5.98 -0.72 -19.71
N SER A 66 -7.01 -1.49 -19.37
CA SER A 66 -7.08 -2.09 -18.05
C SER A 66 -5.97 -3.12 -17.87
N GLY A 67 -5.54 -3.27 -16.62
CA GLY A 67 -4.48 -4.18 -16.27
C GLY A 67 -3.42 -3.49 -15.43
N ASN A 68 -2.28 -4.15 -15.29
CA ASN A 68 -1.18 -3.64 -14.49
C ASN A 68 -0.19 -2.90 -15.37
N VAL A 69 0.30 -1.77 -14.87
CA VAL A 69 1.27 -0.93 -15.59
C VAL A 69 2.44 -0.66 -14.65
N SER A 70 3.66 -0.81 -15.17
CA SER A 70 4.86 -0.56 -14.39
C SER A 70 5.22 0.92 -14.48
N LEU A 71 5.45 1.55 -13.34
CA LEU A 71 5.75 2.97 -13.26
C LEU A 71 7.19 3.16 -12.81
N LYS A 72 8.00 3.76 -13.68
CA LYS A 72 9.39 4.11 -13.37
C LYS A 72 9.53 5.61 -13.36
N ILE A 73 10.10 6.16 -12.28
CA ILE A 73 10.34 7.59 -12.18
C ILE A 73 11.84 7.83 -12.28
N TYR A 74 12.24 8.61 -13.28
CA TYR A 74 13.63 8.95 -13.55
C TYR A 74 13.87 10.38 -13.12
N SER A 75 14.81 10.58 -12.19
CA SER A 75 15.27 11.92 -11.81
C SER A 75 16.57 12.24 -12.54
N GLY A 76 16.50 12.22 -13.87
CA GLY A 76 17.68 12.42 -14.67
C GLY A 76 18.63 11.24 -14.64
N ASP A 77 18.28 10.17 -15.38
CA ASP A 77 19.05 8.94 -15.47
C ASP A 77 19.15 8.19 -14.14
N LEU A 78 18.43 8.64 -13.12
CA LEU A 78 18.45 8.01 -11.81
C LEU A 78 17.05 7.51 -11.46
N VAL A 79 16.92 6.21 -11.26
CA VAL A 79 15.63 5.59 -10.92
C VAL A 79 15.34 5.90 -9.46
N VAL A 80 14.43 6.83 -9.20
CA VAL A 80 14.05 7.14 -7.83
C VAL A 80 12.82 6.38 -7.37
N CYS A 81 12.01 5.86 -8.30
CA CYS A 81 10.82 5.10 -7.95
C CYS A 81 10.58 4.04 -9.01
N GLU A 82 10.27 2.82 -8.54
CA GLU A 82 9.86 1.73 -9.43
C GLU A 82 8.75 0.96 -8.72
N THR A 83 7.53 1.06 -9.27
CA THR A 83 6.37 0.43 -8.67
C THR A 83 5.40 0.03 -9.77
N VAL A 84 4.32 -0.65 -9.39
CA VAL A 84 3.28 -1.09 -10.31
C VAL A 84 1.96 -0.44 -9.93
N ILE A 85 1.24 0.07 -10.92
CA ILE A 85 -0.09 0.64 -10.73
C ILE A 85 -1.08 -0.10 -11.62
N SER A 86 -2.32 -0.19 -11.14
CA SER A 86 -3.36 -0.97 -11.80
C SER A 86 -4.40 -0.05 -12.45
N TYR A 87 -4.73 -0.34 -13.70
CA TYR A 87 -5.83 0.33 -14.40
C TYR A 87 -7.06 -0.56 -14.38
N TYR A 88 -8.22 0.05 -14.16
CA TYR A 88 -9.49 -0.67 -14.08
C TYR A 88 -10.56 0.06 -14.85
N THR A 89 -11.57 -0.68 -15.29
CA THR A 89 -12.71 -0.14 -16.01
C THR A 89 -13.90 0.04 -15.06
N ASP A 90 -14.95 0.67 -15.58
CA ASP A 90 -16.14 0.92 -14.77
C ASP A 90 -16.81 -0.38 -14.33
N MET A 91 -17.00 -1.31 -15.27
CA MET A 91 -17.67 -2.57 -14.95
C MET A 91 -16.86 -3.38 -13.95
N GLU A 92 -15.54 -3.38 -14.08
CA GLU A 92 -14.69 -4.08 -13.13
C GLU A 92 -14.92 -3.57 -11.71
N GLU A 93 -14.99 -2.25 -11.56
CA GLU A 93 -15.20 -1.68 -10.23
C GLU A 93 -16.61 -1.94 -9.72
N ILE A 94 -17.60 -1.92 -10.61
CA ILE A 94 -18.97 -2.30 -10.22
C ILE A 94 -18.96 -3.70 -9.63
N GLY A 95 -18.29 -4.64 -10.31
CA GLY A 95 -18.20 -6.00 -9.81
C GLY A 95 -17.48 -6.07 -8.47
N ASN A 96 -16.37 -5.33 -8.35
CA ASN A 96 -15.61 -5.32 -7.10
C ASN A 96 -16.47 -4.81 -5.95
N LEU A 97 -17.24 -3.75 -6.19
CA LEU A 97 -18.09 -3.20 -5.14
C LEU A 97 -19.21 -4.17 -4.78
N LEU A 98 -19.79 -4.83 -5.79
CA LEU A 98 -20.82 -5.83 -5.50
C LEU A 98 -20.25 -6.99 -4.69
N SER A 99 -18.98 -7.33 -4.91
CA SER A 99 -18.37 -8.42 -4.17
C SER A 99 -18.19 -8.12 -2.68
N ASN A 100 -18.45 -6.89 -2.24
CA ASN A 100 -18.28 -6.52 -0.84
C ASN A 100 -19.55 -6.62 -0.02
N ALA A 101 -20.71 -6.86 -0.64
CA ALA A 101 -21.95 -7.00 0.10
C ALA A 101 -21.94 -8.28 0.92
N ALA A 102 -22.77 -8.31 1.96
CA ALA A 102 -22.83 -9.48 2.83
C ALA A 102 -23.47 -10.66 2.13
N ASN A 103 -24.74 -10.53 1.77
CA ASN A 103 -25.50 -11.59 1.13
C ASN A 103 -26.38 -10.97 0.05
N PRO A 104 -26.86 -11.78 -0.90
CA PRO A 104 -27.62 -11.20 -2.02
C PRO A 104 -28.89 -10.49 -1.62
N VAL A 105 -29.52 -10.89 -0.50
CA VAL A 105 -30.74 -10.21 -0.06
C VAL A 105 -30.44 -8.76 0.31
N GLU A 106 -29.26 -8.48 0.86
CA GLU A 106 -28.87 -7.11 1.15
C GLU A 106 -28.85 -6.26 -0.13
N PHE A 107 -28.16 -6.74 -1.15
CA PHE A 107 -28.07 -6.00 -2.41
C PHE A 107 -29.43 -5.85 -3.06
N MET A 108 -30.28 -6.87 -2.93
CA MET A 108 -31.63 -6.76 -3.49
C MET A 108 -32.47 -5.72 -2.77
N CYS A 109 -32.40 -5.70 -1.43
CA CYS A 109 -33.14 -4.70 -0.68
C CYS A 109 -32.64 -3.30 -0.96
N GLN A 110 -31.33 -3.15 -1.17
CA GLN A 110 -30.80 -1.83 -1.49
C GLN A 110 -31.12 -1.42 -2.92
N ALA A 111 -31.30 -2.38 -3.82
CA ALA A 111 -31.66 -2.05 -5.19
C ALA A 111 -33.14 -1.73 -5.33
N PHE A 112 -34.01 -2.43 -4.59
CA PHE A 112 -35.45 -2.30 -4.73
C PHE A 112 -36.06 -1.36 -3.70
N LYS A 113 -35.25 -0.65 -2.92
CA LYS A 113 -35.77 0.32 -1.97
C LYS A 113 -35.93 1.69 -2.64
N SER B 1 -4.26 26.94 -2.04
CA SER B 1 -4.07 27.13 -0.61
C SER B 1 -2.76 26.52 -0.16
N ASN B 2 -2.61 26.36 1.16
CA ASN B 2 -1.41 25.72 1.70
C ASN B 2 -1.45 24.21 1.53
N ALA B 3 -2.64 23.62 1.42
CA ALA B 3 -2.77 22.19 1.16
C ALA B 3 -2.68 21.98 -0.35
N MET B 4 -1.56 21.43 -0.81
CA MET B 4 -1.37 21.21 -2.24
C MET B 4 -2.35 20.16 -2.76
N VAL B 5 -2.44 19.02 -2.10
CA VAL B 5 -3.32 17.93 -2.52
C VAL B 5 -3.72 17.14 -1.29
N VAL B 6 -4.99 16.74 -1.24
CA VAL B 6 -5.47 15.81 -0.23
C VAL B 6 -5.88 14.54 -0.94
N GLN B 7 -4.97 13.57 -0.97
CA GLN B 7 -5.14 12.33 -1.72
C GLN B 7 -5.53 11.22 -0.75
N PRO B 8 -6.74 10.63 -0.85
CA PRO B 8 -7.87 10.96 -1.72
C PRO B 8 -8.85 11.95 -1.11
N ASP B 9 -9.53 12.71 -1.96
CA ASP B 9 -10.59 13.61 -1.52
C ASP B 9 -11.94 12.92 -1.45
N ARG B 10 -12.02 11.65 -1.82
CA ARG B 10 -13.22 10.84 -1.73
C ARG B 10 -12.90 9.56 -0.97
N ILE B 11 -13.77 9.19 -0.03
CA ILE B 11 -13.55 8.03 0.84
C ILE B 11 -14.79 7.15 0.82
N ARG B 12 -14.58 5.84 0.68
CA ARG B 12 -15.67 4.89 0.66
C ARG B 12 -16.05 4.49 2.08
N CYS B 13 -17.35 4.47 2.36
CA CYS B 13 -17.84 4.16 3.71
C CYS B 13 -17.49 2.74 4.10
N GLY B 14 -16.97 2.57 5.32
CA GLY B 14 -16.58 1.28 5.83
C GLY B 14 -15.17 0.85 5.49
N ALA B 15 -14.58 1.42 4.44
CA ALA B 15 -13.24 1.05 4.01
C ALA B 15 -12.19 1.83 4.79
N GLU B 16 -11.29 1.10 5.46
CA GLU B 16 -10.19 1.76 6.15
C GLU B 16 -9.30 2.45 5.13
N THR B 17 -9.28 3.78 5.15
CA THR B 17 -8.57 4.58 4.16
C THR B 17 -7.62 5.53 4.86
N THR B 18 -6.40 5.62 4.34
CA THR B 18 -5.41 6.56 4.85
C THR B 18 -5.37 7.77 3.93
N VAL B 19 -5.60 8.95 4.49
CA VAL B 19 -5.60 10.20 3.76
C VAL B 19 -4.23 10.83 3.89
N TYR B 20 -3.69 11.29 2.77
CA TYR B 20 -2.41 11.98 2.71
C TYR B 20 -2.64 13.43 2.33
N VAL B 21 -1.98 14.32 3.06
CA VAL B 21 -2.08 15.76 2.82
C VAL B 21 -0.66 16.29 2.61
N ILE B 22 -0.39 16.78 1.42
CA ILE B 22 0.88 17.41 1.12
C ILE B 22 0.73 18.91 1.34
N VAL B 23 1.72 19.52 1.99
CA VAL B 23 1.66 20.92 2.35
C VAL B 23 2.77 21.65 1.62
N ARG B 24 2.55 22.95 1.37
CA ARG B 24 3.55 23.78 0.71
C ARG B 24 4.56 24.35 1.69
N CYS B 25 4.12 24.74 2.88
CA CYS B 25 5.00 25.29 3.90
C CYS B 25 5.60 24.15 4.72
N LYS B 26 6.92 24.18 4.90
CA LYS B 26 7.59 23.19 5.72
C LYS B 26 6.97 23.16 7.12
N LEU B 27 6.56 21.98 7.55
CA LEU B 27 5.90 21.84 8.83
C LEU B 27 6.89 21.90 9.98
N ASP B 28 6.47 22.51 11.08
CA ASP B 28 7.31 22.60 12.27
C ASP B 28 7.28 21.23 12.95
N ASP B 29 8.41 20.53 12.96
CA ASP B 29 8.49 19.22 13.58
C ASP B 29 8.56 19.27 15.10
N ARG B 30 8.34 20.44 15.70
CA ARG B 30 8.37 20.58 17.15
C ARG B 30 6.98 20.74 17.79
N VAL B 31 5.95 21.00 17.00
CA VAL B 31 4.61 21.17 17.53
C VAL B 31 3.80 19.90 17.31
N ALA B 32 2.66 19.80 18.00
CA ALA B 32 1.76 18.67 17.85
C ALA B 32 0.91 18.81 16.59
N THR B 33 0.62 17.66 15.96
CA THR B 33 -0.15 17.62 14.72
C THR B 33 -1.35 16.71 14.90
N GLU B 34 -2.55 17.27 14.71
CA GLU B 34 -3.78 16.49 14.82
C GLU B 34 -4.72 16.86 13.68
N ALA B 35 -5.78 16.07 13.51
CA ALA B 35 -6.77 16.31 12.46
C ALA B 35 -8.17 16.31 13.05
N GLU B 36 -9.06 17.08 12.42
CA GLU B 36 -10.44 17.24 12.84
C GLU B 36 -11.36 16.98 11.65
N PHE B 37 -12.19 15.95 11.77
CA PHE B 37 -13.21 15.62 10.78
C PHE B 37 -14.57 16.10 11.30
N SER B 38 -15.19 17.03 10.59
CA SER B 38 -16.49 17.58 10.97
C SER B 38 -17.54 17.20 9.94
N PRO B 39 -18.45 16.27 10.27
CA PRO B 39 -19.53 15.92 9.33
C PRO B 39 -20.60 16.99 9.23
N GLU B 40 -21.69 16.68 8.53
CA GLU B 40 -22.79 17.64 8.38
C GLU B 40 -23.57 17.79 9.67
N ASP B 41 -24.22 16.71 10.11
CA ASP B 41 -25.05 16.72 11.31
C ASP B 41 -24.52 15.65 12.28
N SER B 42 -23.32 15.90 12.80
CA SER B 42 -22.68 15.00 13.74
C SER B 42 -21.56 15.75 14.43
N PRO B 43 -21.20 15.38 15.66
CA PRO B 43 -20.10 16.07 16.34
C PRO B 43 -18.77 15.82 15.65
N SER B 44 -17.84 16.74 15.88
CA SER B 44 -16.52 16.62 15.28
C SER B 44 -15.77 15.42 15.85
N VAL B 45 -14.73 15.01 15.13
CA VAL B 45 -13.93 13.84 15.47
C VAL B 45 -12.46 14.24 15.40
N ARG B 46 -11.72 13.94 16.46
CA ARG B 46 -10.32 14.32 16.58
C ARG B 46 -9.44 13.09 16.38
N MET B 47 -8.76 13.02 15.25
CA MET B 47 -7.88 11.92 14.93
C MET B 47 -6.42 12.34 15.11
N GLU B 48 -5.62 11.45 15.70
CA GLU B 48 -4.19 11.68 15.75
C GLU B 48 -3.59 11.45 14.36
N ALA B 49 -2.67 12.33 13.97
CA ALA B 49 -2.09 12.29 12.64
C ALA B 49 -0.58 12.15 12.72
N LYS B 50 -0.02 11.41 11.76
CA LYS B 50 1.41 11.16 11.69
C LYS B 50 2.04 12.11 10.67
N VAL B 51 3.22 12.62 11.01
CA VAL B 51 3.95 13.53 10.13
C VAL B 51 4.91 12.67 9.30
N GLU B 52 4.53 12.39 8.06
CA GLU B 52 5.37 11.54 7.22
C GLU B 52 6.64 12.27 6.81
N ASN B 53 6.54 13.56 6.50
CA ASN B 53 7.76 14.35 6.26
C ASN B 53 7.42 15.83 6.37
N GLU B 54 8.43 16.66 6.14
CA GLU B 54 8.31 18.12 6.31
C GLU B 54 7.17 18.71 5.50
N TYR B 55 6.64 17.97 4.53
CA TYR B 55 5.53 18.47 3.72
C TYR B 55 4.34 17.51 3.70
N THR B 56 4.43 16.36 4.36
CA THR B 56 3.44 15.31 4.20
C THR B 56 2.92 14.86 5.55
N ILE B 57 1.60 14.87 5.70
CA ILE B 57 0.88 14.39 6.87
C ILE B 57 0.00 13.23 6.42
N SER B 58 -0.12 12.21 7.26
CA SER B 58 -1.04 11.11 7.01
C SER B 58 -2.00 10.96 8.18
N VAL B 59 -3.21 10.50 7.88
CA VAL B 59 -4.20 10.27 8.93
C VAL B 59 -5.13 9.15 8.49
N LYS B 60 -5.44 8.24 9.40
CA LYS B 60 -6.40 7.17 9.13
C LYS B 60 -7.80 7.73 9.29
N ALA B 61 -8.52 7.86 8.18
CA ALA B 61 -9.83 8.52 8.22
C ALA B 61 -10.83 7.66 8.98
N PRO B 62 -11.69 8.28 9.78
CA PRO B 62 -12.66 7.51 10.56
C PRO B 62 -13.83 7.04 9.71
N ASN B 63 -14.50 6.01 10.22
CA ASN B 63 -15.66 5.42 9.54
C ASN B 63 -16.86 6.33 9.78
N LEU B 64 -17.09 7.25 8.86
CA LEU B 64 -18.19 8.18 8.91
C LEU B 64 -19.28 7.79 7.93
N SER B 65 -20.43 8.44 8.04
CA SER B 65 -21.53 8.21 7.13
C SER B 65 -21.28 8.93 5.81
N SER B 66 -22.15 8.65 4.84
CA SER B 66 -22.01 9.29 3.54
C SER B 66 -22.25 10.79 3.64
N GLY B 67 -21.76 11.51 2.63
CA GLY B 67 -21.88 12.95 2.58
C GLY B 67 -20.53 13.63 2.73
N ASN B 68 -20.59 14.96 2.73
CA ASN B 68 -19.39 15.79 2.80
C ASN B 68 -18.91 15.93 4.25
N VAL B 69 -17.59 15.99 4.41
CA VAL B 69 -16.96 16.13 5.72
C VAL B 69 -15.83 17.13 5.59
N SER B 70 -15.78 18.10 6.51
CA SER B 70 -14.71 19.09 6.52
C SER B 70 -13.51 18.53 7.26
N LEU B 71 -12.32 18.68 6.67
CA LEU B 71 -11.08 18.18 7.25
C LEU B 71 -10.17 19.35 7.58
N LYS B 72 -9.84 19.51 8.85
CA LYS B 72 -8.85 20.48 9.30
C LYS B 72 -7.65 19.73 9.85
N ILE B 73 -6.45 20.28 9.64
CA ILE B 73 -5.24 19.72 10.21
C ILE B 73 -4.52 20.82 10.96
N TYR B 74 -4.39 20.66 12.27
CA TYR B 74 -3.69 21.62 13.11
C TYR B 74 -2.27 21.10 13.32
N SER B 75 -1.29 21.85 12.82
CA SER B 75 0.11 21.63 13.17
C SER B 75 0.52 22.57 14.30
N GLY B 76 0.01 22.27 15.49
CA GLY B 76 0.28 23.10 16.64
C GLY B 76 -0.50 24.40 16.64
N ASP B 77 -1.81 24.31 16.90
CA ASP B 77 -2.69 25.47 17.01
C ASP B 77 -2.79 26.24 15.70
N LEU B 78 -2.04 25.83 14.68
CA LEU B 78 -2.01 26.50 13.39
C LEU B 78 -2.68 25.58 12.37
N VAL B 79 -3.69 26.10 11.67
CA VAL B 79 -4.38 25.34 10.63
C VAL B 79 -3.49 25.32 9.40
N VAL B 80 -2.89 24.15 9.10
CA VAL B 80 -2.07 24.00 7.91
C VAL B 80 -2.86 23.45 6.73
N CYS B 81 -4.09 22.97 6.95
CA CYS B 81 -4.92 22.45 5.88
C CYS B 81 -6.38 22.55 6.30
N GLU B 82 -7.21 23.11 5.41
CA GLU B 82 -8.64 23.20 5.63
C GLU B 82 -9.32 22.88 4.31
N THR B 83 -9.91 21.69 4.22
CA THR B 83 -10.54 21.23 2.99
C THR B 83 -11.75 20.37 3.33
N VAL B 84 -12.53 20.06 2.30
CA VAL B 84 -13.72 19.22 2.44
C VAL B 84 -13.51 17.94 1.65
N ILE B 85 -13.74 16.80 2.30
CA ILE B 85 -13.66 15.49 1.67
C ILE B 85 -15.03 14.82 1.77
N SER B 86 -15.37 14.06 0.74
CA SER B 86 -16.70 13.48 0.61
C SER B 86 -16.66 11.97 0.86
N TYR B 87 -17.62 11.49 1.63
CA TYR B 87 -17.81 10.06 1.83
C TYR B 87 -18.91 9.55 0.90
N TYR B 88 -18.80 8.28 0.52
CA TYR B 88 -19.78 7.67 -0.37
C TYR B 88 -19.91 6.19 -0.04
N THR B 89 -21.08 5.64 -0.33
CA THR B 89 -21.38 4.24 -0.11
C THR B 89 -21.16 3.43 -1.38
N ASP B 90 -21.09 2.10 -1.21
CA ASP B 90 -20.90 1.21 -2.34
C ASP B 90 -21.97 1.42 -3.41
N MET B 91 -23.24 1.45 -2.99
CA MET B 91 -24.34 1.58 -3.94
C MET B 91 -24.28 2.91 -4.67
N GLU B 92 -23.90 3.98 -3.97
CA GLU B 92 -23.77 5.29 -4.60
C GLU B 92 -22.73 5.26 -5.71
N GLU B 93 -21.57 4.65 -5.43
CA GLU B 93 -20.51 4.61 -6.44
C GLU B 93 -20.88 3.68 -7.59
N ILE B 94 -21.59 2.59 -7.31
CA ILE B 94 -22.05 1.72 -8.40
C ILE B 94 -23.02 2.48 -9.30
N GLY B 95 -23.91 3.27 -8.70
CA GLY B 95 -24.83 4.07 -9.51
C GLY B 95 -24.11 5.11 -10.34
N ASN B 96 -23.09 5.76 -9.76
CA ASN B 96 -22.31 6.73 -10.53
C ASN B 96 -21.52 6.05 -11.65
N LEU B 97 -20.97 4.87 -11.38
CA LEU B 97 -20.23 4.14 -12.40
C LEU B 97 -21.14 3.66 -13.52
N LEU B 98 -22.40 3.34 -13.21
CA LEU B 98 -23.34 2.98 -14.27
C LEU B 98 -23.77 4.20 -15.06
N SER B 99 -23.95 5.33 -14.38
CA SER B 99 -24.29 6.57 -15.10
C SER B 99 -23.13 7.00 -16.00
N ASN B 100 -21.90 6.66 -15.63
CA ASN B 100 -20.75 7.00 -16.46
C ASN B 100 -20.55 5.99 -17.59
N ALA B 101 -20.69 4.70 -17.30
CA ALA B 101 -20.45 3.66 -18.29
C ALA B 101 -21.63 3.47 -19.23
N ALA B 102 -22.77 4.10 -18.96
CA ALA B 102 -23.92 4.04 -19.85
C ALA B 102 -24.20 5.46 -20.32
N ASN B 103 -23.32 5.94 -21.20
CA ASN B 103 -23.42 7.28 -21.77
C ASN B 103 -23.24 7.13 -23.28
N PRO B 104 -24.24 7.47 -24.09
CA PRO B 104 -24.09 7.32 -25.55
C PRO B 104 -23.03 8.25 -26.14
N VAL B 105 -22.58 9.26 -25.41
CA VAL B 105 -21.48 10.10 -25.87
C VAL B 105 -20.16 9.34 -25.81
N GLU B 106 -20.07 8.30 -24.99
CA GLU B 106 -18.88 7.45 -24.98
C GLU B 106 -18.83 6.52 -26.19
N PHE B 107 -19.98 6.22 -26.79
CA PHE B 107 -20.01 5.43 -28.02
C PHE B 107 -19.47 6.28 -29.17
N MET B 108 -20.29 7.24 -29.63
CA MET B 108 -19.96 8.18 -30.70
C MET B 108 -19.08 7.59 -31.80
N CYS B 109 -19.69 6.97 -32.80
CA CYS B 109 -18.91 6.36 -33.88
C CYS B 109 -18.16 7.40 -34.68
N GLN B 110 -18.78 8.55 -34.94
CA GLN B 110 -18.13 9.63 -35.67
C GLN B 110 -17.69 10.78 -34.77
N ALA B 111 -18.37 10.98 -33.64
CA ALA B 111 -18.01 12.00 -32.65
C ALA B 111 -17.99 13.41 -33.27
N PHE B 112 -19.13 13.78 -33.85
CA PHE B 112 -19.30 15.08 -34.47
C PHE B 112 -20.78 15.42 -34.66
N SER C 1 2.64 -30.49 -14.75
CA SER C 1 3.00 -31.25 -13.57
C SER C 1 2.40 -32.64 -13.60
N ASN C 2 2.38 -33.32 -12.45
CA ASN C 2 1.78 -34.64 -12.35
C ASN C 2 0.27 -34.59 -12.26
N ALA C 3 -0.31 -33.47 -11.82
CA ALA C 3 -1.76 -33.32 -11.74
C ALA C 3 -2.30 -32.93 -13.10
N MET C 4 -2.99 -33.88 -13.77
CA MET C 4 -3.53 -33.61 -15.09
C MET C 4 -4.63 -32.57 -15.04
N VAL C 5 -5.62 -32.76 -14.17
CA VAL C 5 -6.73 -31.82 -14.09
C VAL C 5 -7.33 -31.85 -12.69
N VAL C 6 -7.60 -30.66 -12.16
CA VAL C 6 -8.39 -30.44 -10.97
C VAL C 6 -9.61 -29.66 -11.45
N GLN C 7 -10.76 -30.33 -11.52
CA GLN C 7 -11.85 -29.74 -12.28
C GLN C 7 -12.74 -28.81 -11.44
N PRO C 8 -13.10 -29.16 -10.20
CA PRO C 8 -13.73 -28.08 -9.41
C PRO C 8 -12.65 -27.27 -8.67
N ASP C 9 -12.03 -26.35 -9.40
CA ASP C 9 -11.04 -25.43 -8.85
C ASP C 9 -11.65 -24.19 -8.24
N ARG C 10 -12.97 -24.03 -8.33
CA ARG C 10 -13.67 -22.94 -7.67
C ARG C 10 -14.80 -23.55 -6.84
N ILE C 11 -14.94 -23.08 -5.61
CA ILE C 11 -15.91 -23.65 -4.68
C ILE C 11 -16.73 -22.50 -4.08
N ARG C 12 -18.05 -22.69 -4.03
CA ARG C 12 -18.92 -21.69 -3.44
C ARG C 12 -18.97 -21.88 -1.93
N CYS C 13 -18.84 -20.78 -1.19
CA CYS C 13 -18.81 -20.86 0.26
C CYS C 13 -20.13 -21.38 0.80
N GLY C 14 -20.04 -22.33 1.72
CA GLY C 14 -21.22 -22.97 2.29
C GLY C 14 -21.73 -24.16 1.52
N ALA C 15 -21.38 -24.27 0.24
CA ALA C 15 -21.82 -25.39 -0.60
C ALA C 15 -20.83 -26.54 -0.46
N GLU C 16 -21.32 -27.69 -0.01
CA GLU C 16 -20.50 -28.89 0.06
C GLU C 16 -20.13 -29.34 -1.35
N THR C 17 -18.85 -29.30 -1.68
CA THR C 17 -18.35 -29.58 -3.01
C THR C 17 -17.30 -30.69 -2.95
N THR C 18 -17.39 -31.64 -3.87
CA THR C 18 -16.42 -32.71 -3.99
C THR C 18 -15.43 -32.37 -5.10
N VAL C 19 -14.14 -32.34 -4.76
CA VAL C 19 -13.07 -32.01 -5.70
C VAL C 19 -12.48 -33.30 -6.23
N TYR C 20 -12.28 -33.36 -7.55
CA TYR C 20 -11.68 -34.50 -8.22
C TYR C 20 -10.32 -34.10 -8.78
N VAL C 21 -9.32 -34.94 -8.58
CA VAL C 21 -7.97 -34.73 -9.07
C VAL C 21 -7.54 -35.95 -9.86
N ILE C 22 -7.29 -35.77 -11.16
CA ILE C 22 -6.75 -36.83 -12.01
C ILE C 22 -5.24 -36.69 -12.07
N VAL C 23 -4.53 -37.80 -11.94
CA VAL C 23 -3.07 -37.81 -11.95
C VAL C 23 -2.59 -38.71 -13.09
N ARG C 24 -1.38 -38.45 -13.55
CA ARG C 24 -0.76 -39.29 -14.59
C ARG C 24 -0.06 -40.51 -14.01
N CYS C 25 0.63 -40.35 -12.88
CA CYS C 25 1.32 -41.45 -12.24
C CYS C 25 0.37 -42.21 -11.33
N LYS C 26 0.34 -43.53 -11.47
CA LYS C 26 -0.48 -44.38 -10.62
C LYS C 26 -0.13 -44.17 -9.15
N LEU C 27 -1.14 -43.88 -8.34
CA LEU C 27 -0.91 -43.68 -6.92
C LEU C 27 -0.67 -45.02 -6.23
N ASP C 28 0.03 -44.97 -5.09
CA ASP C 28 0.51 -46.19 -4.45
C ASP C 28 -0.62 -47.09 -3.99
N ASP C 29 -1.74 -46.51 -3.53
CA ASP C 29 -2.91 -47.25 -3.12
C ASP C 29 -2.67 -48.24 -1.98
N ARG C 30 -1.46 -48.29 -1.43
CA ARG C 30 -1.17 -49.10 -0.26
C ARG C 30 -0.92 -48.26 0.99
N VAL C 31 -0.64 -46.97 0.82
CA VAL C 31 -0.43 -46.07 1.92
C VAL C 31 -1.70 -45.23 2.07
N ALA C 32 -1.78 -44.48 3.18
CA ALA C 32 -2.92 -43.61 3.37
C ALA C 32 -2.83 -42.40 2.43
N THR C 33 -3.98 -41.95 1.95
CA THR C 33 -4.08 -40.85 1.00
C THR C 33 -4.93 -39.76 1.62
N GLU C 34 -4.36 -38.57 1.77
CA GLU C 34 -5.02 -37.45 2.39
C GLU C 34 -4.83 -36.20 1.54
N ALA C 35 -5.58 -35.16 1.90
CA ALA C 35 -5.52 -33.86 1.26
C ALA C 35 -5.30 -32.80 2.33
N GLU C 36 -4.60 -31.74 1.94
CA GLU C 36 -4.27 -30.65 2.84
C GLU C 36 -4.76 -29.35 2.22
N PHE C 37 -5.70 -28.71 2.89
CA PHE C 37 -6.19 -27.40 2.47
C PHE C 37 -5.55 -26.34 3.36
N SER C 38 -4.77 -25.46 2.75
CA SER C 38 -4.07 -24.40 3.47
C SER C 38 -4.60 -23.06 2.99
N PRO C 39 -5.41 -22.36 3.78
CA PRO C 39 -5.87 -21.03 3.37
C PRO C 39 -4.77 -19.99 3.46
N GLU C 40 -5.13 -18.72 3.26
CA GLU C 40 -4.15 -17.64 3.35
C GLU C 40 -3.75 -17.40 4.80
N ASP C 41 -4.70 -16.99 5.62
CA ASP C 41 -4.47 -16.69 7.04
C ASP C 41 -5.38 -17.58 7.89
N SER C 42 -5.11 -18.89 7.87
CA SER C 42 -5.88 -19.86 8.64
C SER C 42 -5.08 -21.13 8.77
N PRO C 43 -5.29 -21.92 9.81
CA PRO C 43 -4.54 -23.17 9.97
C PRO C 43 -4.88 -24.17 8.88
N SER C 44 -3.93 -25.07 8.65
CA SER C 44 -4.10 -26.12 7.64
C SER C 44 -5.18 -27.11 8.07
N VAL C 45 -5.70 -27.84 7.10
CA VAL C 45 -6.76 -28.83 7.33
C VAL C 45 -6.38 -30.12 6.60
N ARG C 46 -6.38 -31.23 7.33
CA ARG C 46 -6.02 -32.54 6.79
C ARG C 46 -7.28 -33.38 6.67
N MET C 47 -7.73 -33.59 5.43
CA MET C 47 -8.93 -34.36 5.13
C MET C 47 -8.53 -35.74 4.59
N GLU C 48 -9.26 -36.77 5.01
CA GLU C 48 -9.10 -38.07 4.37
C GLU C 48 -9.69 -38.04 2.98
N ALA C 49 -9.00 -38.66 2.02
CA ALA C 49 -9.38 -38.64 0.63
C ALA C 49 -9.59 -40.06 0.13
N LYS C 50 -10.55 -40.22 -0.79
CA LYS C 50 -10.88 -41.51 -1.37
C LYS C 50 -10.19 -41.67 -2.71
N VAL C 51 -9.70 -42.88 -2.98
CA VAL C 51 -9.03 -43.19 -4.23
C VAL C 51 -10.11 -43.75 -5.16
N GLU C 52 -10.59 -42.91 -6.08
CA GLU C 52 -11.65 -43.35 -6.97
C GLU C 52 -11.13 -44.37 -7.98
N ASN C 53 -9.91 -44.17 -8.49
CA ASN C 53 -9.27 -45.19 -9.31
C ASN C 53 -7.78 -44.91 -9.38
N GLU C 54 -7.07 -45.75 -10.15
CA GLU C 54 -5.62 -45.69 -10.24
C GLU C 54 -5.09 -44.31 -10.63
N TYR C 55 -5.95 -43.44 -11.16
CA TYR C 55 -5.55 -42.10 -11.53
C TYR C 55 -6.43 -41.01 -10.94
N THR C 56 -7.47 -41.36 -10.19
CA THR C 56 -8.50 -40.40 -9.80
C THR C 56 -8.70 -40.41 -8.30
N ILE C 57 -8.60 -39.22 -7.69
CA ILE C 57 -8.83 -38.99 -6.26
C ILE C 57 -10.01 -38.05 -6.11
N SER C 58 -10.84 -38.29 -5.09
CA SER C 58 -11.91 -37.38 -4.72
C SER C 58 -11.76 -36.96 -3.26
N VAL C 59 -12.23 -35.75 -2.95
CA VAL C 59 -12.17 -35.25 -1.58
C VAL C 59 -13.34 -34.30 -1.33
N LYS C 60 -13.97 -34.43 -0.17
CA LYS C 60 -15.02 -33.51 0.25
C LYS C 60 -14.38 -32.25 0.81
N ALA C 61 -14.49 -31.15 0.07
CA ALA C 61 -13.79 -29.93 0.44
C ALA C 61 -14.38 -29.33 1.71
N PRO C 62 -13.55 -28.79 2.59
CA PRO C 62 -14.05 -28.20 3.84
C PRO C 62 -14.67 -26.83 3.61
N ASN C 63 -15.52 -26.43 4.56
CA ASN C 63 -16.20 -25.14 4.48
C ASN C 63 -15.21 -24.06 4.91
N LEU C 64 -14.51 -23.49 3.95
CA LEU C 64 -13.54 -22.44 4.21
C LEU C 64 -14.10 -21.08 3.77
N SER C 65 -13.40 -20.03 4.17
CA SER C 65 -13.78 -18.68 3.80
C SER C 65 -13.34 -18.37 2.37
N SER C 66 -13.75 -17.20 1.89
CA SER C 66 -13.41 -16.79 0.54
C SER C 66 -11.92 -16.53 0.42
N GLY C 67 -11.44 -16.53 -0.82
CA GLY C 67 -10.04 -16.33 -1.12
C GLY C 67 -9.38 -17.60 -1.65
N ASN C 68 -8.09 -17.48 -1.90
CA ASN C 68 -7.33 -18.59 -2.46
C ASN C 68 -6.92 -19.58 -1.37
N VAL C 69 -6.89 -20.85 -1.74
CA VAL C 69 -6.53 -21.93 -0.84
C VAL C 69 -5.62 -22.90 -1.58
N SER C 70 -4.50 -23.26 -0.95
CA SER C 70 -3.58 -24.23 -1.55
C SER C 70 -4.06 -25.63 -1.24
N LEU C 71 -4.05 -26.49 -2.26
CA LEU C 71 -4.49 -27.88 -2.14
C LEU C 71 -3.31 -28.79 -2.40
N LYS C 72 -2.95 -29.58 -1.39
CA LYS C 72 -1.91 -30.60 -1.52
C LYS C 72 -2.56 -31.98 -1.38
N ILE C 73 -1.99 -32.96 -2.07
CA ILE C 73 -2.46 -34.34 -1.97
C ILE C 73 -1.28 -35.21 -1.55
N TYR C 74 -1.36 -35.77 -0.35
CA TYR C 74 -0.34 -36.64 0.19
C TYR C 74 -0.72 -38.10 -0.05
N SER C 75 0.13 -38.82 -0.77
CA SER C 75 0.09 -40.29 -0.78
C SER C 75 1.02 -40.77 0.32
N GLY C 76 0.55 -40.61 1.56
CA GLY C 76 1.35 -40.85 2.74
C GLY C 76 2.26 -39.67 3.05
N ASP C 77 3.39 -39.58 2.35
CA ASP C 77 4.30 -38.45 2.52
C ASP C 77 4.73 -37.83 1.19
N LEU C 78 4.21 -38.33 0.07
CA LEU C 78 4.61 -37.86 -1.26
C LEU C 78 3.51 -36.98 -1.84
N VAL C 79 3.88 -35.77 -2.25
CA VAL C 79 2.93 -34.85 -2.87
C VAL C 79 2.68 -35.31 -4.30
N VAL C 80 1.48 -35.83 -4.56
CA VAL C 80 1.11 -36.25 -5.91
C VAL C 80 0.39 -35.13 -6.66
N CYS C 81 -0.06 -34.09 -5.97
CA CYS C 81 -0.71 -32.95 -6.60
C CYS C 81 -0.59 -31.76 -5.67
N GLU C 82 -0.15 -30.62 -6.21
CA GLU C 82 -0.07 -29.38 -5.44
C GLU C 82 -0.57 -28.25 -6.32
N THR C 83 -1.77 -27.74 -6.01
CA THR C 83 -2.37 -26.69 -6.81
C THR C 83 -3.15 -25.76 -5.87
N VAL C 84 -3.63 -24.66 -6.42
CA VAL C 84 -4.40 -23.67 -5.68
C VAL C 84 -5.81 -23.64 -6.24
N ILE C 85 -6.79 -23.77 -5.35
CA ILE C 85 -8.20 -23.70 -5.70
C ILE C 85 -8.83 -22.54 -4.92
N SER C 86 -9.79 -21.88 -5.56
CA SER C 86 -10.35 -20.64 -5.05
C SER C 86 -11.75 -20.85 -4.49
N TYR C 87 -12.00 -20.25 -3.34
CA TYR C 87 -13.33 -20.18 -2.74
C TYR C 87 -13.96 -18.83 -3.07
N TYR C 88 -15.29 -18.81 -3.16
CA TYR C 88 -15.98 -17.57 -3.48
C TYR C 88 -17.36 -17.56 -2.82
N THR C 89 -17.85 -16.36 -2.55
CA THR C 89 -19.17 -16.14 -1.98
C THR C 89 -20.18 -15.84 -3.08
N ASP C 90 -21.46 -15.91 -2.71
CA ASP C 90 -22.52 -15.64 -3.68
C ASP C 90 -22.35 -14.28 -4.33
N MET C 91 -22.16 -13.24 -3.52
CA MET C 91 -21.99 -11.89 -4.06
C MET C 91 -20.72 -11.77 -4.89
N GLU C 92 -19.66 -12.49 -4.50
CA GLU C 92 -18.44 -12.48 -5.32
C GLU C 92 -18.73 -13.02 -6.71
N GLU C 93 -19.51 -14.10 -6.81
CA GLU C 93 -19.83 -14.67 -8.11
C GLU C 93 -20.75 -13.74 -8.91
N ILE C 94 -21.70 -13.08 -8.23
CA ILE C 94 -22.55 -12.12 -8.93
C ILE C 94 -21.71 -10.96 -9.47
N GLY C 95 -20.77 -10.46 -8.65
CA GLY C 95 -19.90 -9.39 -9.10
C GLY C 95 -19.00 -9.80 -10.26
N ASN C 96 -18.49 -11.03 -10.22
CA ASN C 96 -17.67 -11.51 -11.33
C ASN C 96 -18.50 -11.66 -12.59
N LEU C 97 -19.75 -12.13 -12.47
CA LEU C 97 -20.61 -12.25 -13.64
C LEU C 97 -20.96 -10.89 -14.22
N LEU C 98 -21.10 -9.88 -13.38
CA LEU C 98 -21.37 -8.53 -13.85
C LEU C 98 -20.15 -7.86 -14.44
N SER C 99 -18.96 -8.11 -13.87
CA SER C 99 -17.72 -7.56 -14.39
C SER C 99 -17.43 -8.08 -15.80
N ASN C 100 -17.18 -9.38 -15.92
CA ASN C 100 -16.86 -9.97 -17.21
C ASN C 100 -18.12 -10.17 -18.05
N ALA C 101 -17.91 -10.25 -19.37
CA ALA C 101 -18.95 -10.62 -20.33
C ALA C 101 -20.08 -9.59 -20.43
N ALA C 102 -20.07 -8.57 -19.57
CA ALA C 102 -21.10 -7.55 -19.52
C ALA C 102 -20.51 -6.17 -19.80
N ASN C 103 -20.75 -5.65 -21.00
CA ASN C 103 -20.29 -4.31 -21.37
C ASN C 103 -21.50 -3.53 -21.90
N PRO C 104 -21.90 -2.43 -21.25
CA PRO C 104 -23.08 -1.70 -21.72
C PRO C 104 -22.88 -1.02 -23.07
N VAL C 105 -21.68 -0.48 -23.33
CA VAL C 105 -21.46 0.20 -24.60
C VAL C 105 -21.45 -0.81 -25.75
N GLU C 106 -21.07 -2.06 -25.47
CA GLU C 106 -21.10 -3.09 -26.51
C GLU C 106 -22.54 -3.47 -26.84
N PHE C 107 -23.40 -3.57 -25.82
CA PHE C 107 -24.82 -3.84 -26.08
C PHE C 107 -25.49 -2.69 -26.82
N MET C 108 -24.92 -1.49 -26.77
CA MET C 108 -25.42 -0.38 -27.57
C MET C 108 -25.13 -0.58 -29.05
N CYS C 109 -24.16 -1.41 -29.40
CA CYS C 109 -23.79 -1.63 -30.80
C CYS C 109 -24.10 -3.06 -31.22
N SER D 1 24.06 7.56 -17.29
CA SER D 1 24.31 7.15 -15.90
C SER D 1 24.32 8.34 -14.96
N ASN D 2 23.93 8.11 -13.70
CA ASN D 2 23.96 9.18 -12.72
C ASN D 2 25.37 9.50 -12.27
N ALA D 3 26.32 8.61 -12.52
CA ALA D 3 27.73 8.85 -12.20
C ALA D 3 28.38 9.52 -13.40
N MET D 4 28.63 10.83 -13.29
CA MET D 4 29.24 11.56 -14.40
C MET D 4 30.71 11.22 -14.57
N VAL D 5 31.36 10.76 -13.50
CA VAL D 5 32.73 10.24 -13.60
C VAL D 5 33.04 9.48 -12.31
N VAL D 6 33.74 8.35 -12.46
CA VAL D 6 34.36 7.64 -11.36
C VAL D 6 35.87 7.75 -11.58
N GLN D 7 36.56 8.38 -10.64
CA GLN D 7 37.86 8.94 -10.96
C GLN D 7 38.93 7.85 -11.13
N PRO D 8 39.28 7.05 -10.11
CA PRO D 8 40.24 5.99 -10.46
C PRO D 8 39.52 4.72 -10.92
N ASP D 9 39.17 4.69 -12.22
CA ASP D 9 38.50 3.52 -12.78
C ASP D 9 39.41 2.30 -12.81
N ARG D 10 40.72 2.48 -12.63
CA ARG D 10 41.66 1.39 -12.44
C ARG D 10 42.39 1.59 -11.12
N ILE D 11 42.62 0.48 -10.41
CA ILE D 11 43.26 0.51 -9.10
C ILE D 11 44.38 -0.51 -9.08
N ARG D 12 45.55 -0.09 -8.61
CA ARG D 12 46.69 -0.99 -8.48
C ARG D 12 46.51 -1.91 -7.28
N CYS D 13 46.82 -3.19 -7.49
CA CYS D 13 46.66 -4.17 -6.41
C CYS D 13 47.60 -3.87 -5.25
N GLY D 14 47.06 -3.96 -4.03
CA GLY D 14 47.84 -3.75 -2.83
C GLY D 14 48.04 -2.30 -2.44
N ALA D 15 47.66 -1.34 -3.29
CA ALA D 15 47.82 0.08 -3.00
C ALA D 15 46.47 0.65 -2.60
N GLU D 16 46.37 1.10 -1.35
CA GLU D 16 45.13 1.71 -0.86
C GLU D 16 44.83 2.98 -1.62
N THR D 17 43.81 2.93 -2.48
CA THR D 17 43.44 4.05 -3.34
C THR D 17 42.05 4.54 -2.95
N THR D 18 41.88 5.86 -2.92
CA THR D 18 40.60 6.48 -2.61
C THR D 18 39.85 6.72 -3.91
N VAL D 19 38.76 6.00 -4.12
CA VAL D 19 37.94 6.17 -5.31
C VAL D 19 36.97 7.32 -5.09
N TYR D 20 36.89 8.22 -6.06
CA TYR D 20 35.99 9.37 -6.04
C TYR D 20 34.92 9.20 -7.11
N VAL D 21 33.68 9.50 -6.74
CA VAL D 21 32.54 9.39 -7.63
C VAL D 21 31.81 10.73 -7.63
N ILE D 22 31.69 11.35 -8.81
CA ILE D 22 30.89 12.55 -9.00
C ILE D 22 29.55 12.14 -9.57
N VAL D 23 28.47 12.52 -8.89
CA VAL D 23 27.13 12.12 -9.29
C VAL D 23 26.42 13.30 -9.95
N ARG D 24 25.42 12.96 -10.77
CA ARG D 24 24.67 13.96 -11.51
C ARG D 24 23.63 14.68 -10.64
N CYS D 25 23.07 13.99 -9.65
CA CYS D 25 22.04 14.55 -8.80
C CYS D 25 22.59 14.91 -7.42
N LYS D 26 21.92 15.86 -6.76
CA LYS D 26 22.28 16.20 -5.40
C LYS D 26 22.18 14.97 -4.50
N LEU D 27 23.08 14.89 -3.53
CA LEU D 27 23.05 13.82 -2.56
C LEU D 27 22.28 14.25 -1.32
N ASP D 28 21.66 13.28 -0.66
CA ASP D 28 20.91 13.53 0.57
C ASP D 28 21.88 13.41 1.74
N ASP D 29 22.27 14.55 2.31
CA ASP D 29 23.20 14.55 3.45
C ASP D 29 22.54 14.02 4.72
N ARG D 30 21.23 13.81 4.72
CA ARG D 30 20.55 13.33 5.92
C ARG D 30 20.60 11.81 6.03
N VAL D 31 20.72 11.11 4.91
CA VAL D 31 20.78 9.64 4.91
C VAL D 31 22.23 9.20 5.02
N ALA D 32 22.44 7.91 5.26
CA ALA D 32 23.78 7.34 5.35
C ALA D 32 24.20 6.81 4.00
N THR D 33 25.35 7.28 3.51
CA THR D 33 25.88 6.87 2.22
C THR D 33 26.90 5.75 2.42
N GLU D 34 26.74 4.67 1.66
CA GLU D 34 27.63 3.52 1.74
C GLU D 34 27.97 3.06 0.34
N ALA D 35 28.92 2.12 0.27
CA ALA D 35 29.41 1.58 -1.00
C ALA D 35 29.46 0.07 -0.91
N GLU D 36 29.50 -0.57 -2.07
CA GLU D 36 29.55 -2.02 -2.15
C GLU D 36 30.42 -2.43 -3.34
N PHE D 37 31.51 -3.13 -3.04
CA PHE D 37 32.42 -3.65 -4.04
C PHE D 37 32.13 -5.13 -4.24
N SER D 38 31.78 -5.51 -5.47
CA SER D 38 31.46 -6.90 -5.81
C SER D 38 32.38 -7.40 -6.90
N PRO D 39 33.40 -8.20 -6.57
CA PRO D 39 34.25 -8.78 -7.62
C PRO D 39 33.54 -9.86 -8.42
N GLU D 40 34.29 -10.66 -9.16
CA GLU D 40 33.69 -11.69 -10.01
C GLU D 40 33.56 -13.03 -9.32
N ASP D 41 34.52 -13.39 -8.47
CA ASP D 41 34.54 -14.71 -7.84
C ASP D 41 34.85 -14.59 -6.35
N SER D 42 34.06 -13.76 -5.66
CA SER D 42 34.16 -13.55 -4.22
C SER D 42 32.96 -12.74 -3.75
N PRO D 43 32.56 -12.87 -2.49
CA PRO D 43 31.39 -12.11 -2.02
C PRO D 43 31.64 -10.60 -2.01
N SER D 44 30.55 -9.85 -1.92
CA SER D 44 30.63 -8.41 -1.92
C SER D 44 31.20 -7.90 -0.59
N VAL D 45 31.54 -6.62 -0.58
CA VAL D 45 32.12 -5.96 0.60
C VAL D 45 31.49 -4.59 0.74
N ARG D 46 30.91 -4.31 1.90
CA ARG D 46 30.29 -3.02 2.16
C ARG D 46 31.29 -2.07 2.81
N MET D 47 31.12 -0.78 2.54
CA MET D 47 32.07 0.25 2.96
C MET D 47 31.32 1.49 3.38
N GLU D 48 31.85 2.19 4.38
CA GLU D 48 31.34 3.49 4.78
C GLU D 48 31.85 4.52 3.77
N ALA D 49 30.95 5.07 2.97
CA ALA D 49 31.31 6.05 1.96
C ALA D 49 31.18 7.45 2.53
N LYS D 50 32.23 8.25 2.35
CA LYS D 50 32.24 9.64 2.83
C LYS D 50 31.67 10.55 1.74
N VAL D 51 30.74 11.42 2.14
CA VAL D 51 30.14 12.38 1.23
C VAL D 51 31.04 13.61 1.20
N GLU D 52 31.88 13.70 0.18
CA GLU D 52 32.75 14.87 0.06
C GLU D 52 31.95 16.13 -0.14
N ASN D 53 30.92 16.09 -0.99
CA ASN D 53 30.04 17.25 -1.16
C ASN D 53 28.77 16.79 -1.89
N GLU D 54 27.92 17.78 -2.22
CA GLU D 54 26.60 17.54 -2.79
C GLU D 54 26.64 16.57 -3.97
N TYR D 55 27.75 16.54 -4.71
CA TYR D 55 27.87 15.70 -5.90
C TYR D 55 29.03 14.73 -5.82
N THR D 56 29.75 14.68 -4.70
CA THR D 56 31.01 13.94 -4.64
C THR D 56 31.02 13.00 -3.45
N ILE D 57 31.33 11.73 -3.71
CA ILE D 57 31.49 10.67 -2.72
C ILE D 57 32.90 10.13 -2.83
N SER D 58 33.52 9.83 -1.68
CA SER D 58 34.84 9.21 -1.65
C SER D 58 34.80 7.95 -0.82
N VAL D 59 35.56 6.95 -1.23
CA VAL D 59 35.59 5.68 -0.50
C VAL D 59 36.99 5.06 -0.64
N LYS D 60 37.55 4.65 0.49
CA LYS D 60 38.83 3.94 0.48
C LYS D 60 38.61 2.54 -0.11
N ALA D 61 39.07 2.36 -1.34
CA ALA D 61 38.82 1.11 -2.05
C ALA D 61 39.51 -0.06 -1.35
N PRO D 62 38.89 -1.22 -1.30
CA PRO D 62 39.50 -2.36 -0.61
C PRO D 62 40.57 -3.04 -1.45
N ASN D 63 41.50 -3.68 -0.75
CA ASN D 63 42.59 -4.43 -1.39
C ASN D 63 42.01 -5.74 -1.94
N LEU D 64 41.79 -5.77 -3.25
CA LEU D 64 41.17 -6.92 -3.91
C LEU D 64 42.12 -7.51 -4.95
N SER D 65 41.71 -8.64 -5.51
CA SER D 65 42.46 -9.28 -6.57
C SER D 65 42.22 -8.58 -7.90
N SER D 66 43.08 -8.87 -8.87
CA SER D 66 42.96 -8.28 -10.19
C SER D 66 41.69 -8.75 -10.89
N GLY D 67 41.29 -8.00 -11.92
CA GLY D 67 40.08 -8.30 -12.63
C GLY D 67 39.09 -7.15 -12.60
N ASN D 68 37.83 -7.42 -12.92
CA ASN D 68 36.79 -6.40 -12.95
C ASN D 68 35.92 -6.52 -11.72
N VAL D 69 35.63 -5.39 -11.07
CA VAL D 69 34.82 -5.33 -9.86
C VAL D 69 33.71 -4.32 -10.08
N SER D 70 32.47 -4.73 -9.82
CA SER D 70 31.35 -3.80 -9.84
C SER D 70 31.35 -2.97 -8.56
N LEU D 71 30.92 -1.72 -8.69
CA LEU D 71 30.90 -0.78 -7.57
C LEU D 71 29.54 -0.10 -7.53
N LYS D 72 28.76 -0.40 -6.50
CA LYS D 72 27.47 0.24 -6.28
C LYS D 72 27.57 1.23 -5.13
N ILE D 73 26.93 2.38 -5.28
CA ILE D 73 26.92 3.40 -4.23
C ILE D 73 25.48 3.61 -3.82
N TYR D 74 25.19 3.44 -2.53
CA TYR D 74 23.86 3.61 -1.97
C TYR D 74 23.81 4.90 -1.17
N SER D 75 22.83 5.74 -1.50
CA SER D 75 22.55 6.96 -0.73
C SER D 75 21.25 6.75 0.04
N GLY D 76 21.30 5.83 1.01
CA GLY D 76 20.13 5.47 1.76
C GLY D 76 19.15 4.67 0.94
N ASP D 77 19.52 3.41 0.63
CA ASP D 77 18.68 2.49 -0.12
C ASP D 77 18.35 3.02 -1.52
N LEU D 78 19.28 3.75 -2.11
CA LEU D 78 19.10 4.32 -3.44
C LEU D 78 20.43 4.24 -4.19
N VAL D 79 20.45 3.48 -5.28
CA VAL D 79 21.66 3.27 -6.07
C VAL D 79 21.92 4.54 -6.89
N VAL D 80 22.82 5.39 -6.38
CA VAL D 80 23.20 6.61 -7.10
C VAL D 80 24.34 6.37 -8.07
N CYS D 81 24.94 5.19 -8.07
CA CYS D 81 26.05 4.88 -8.95
C CYS D 81 26.21 3.37 -9.06
N GLU D 82 26.37 2.90 -10.30
CA GLU D 82 26.59 1.47 -10.56
C GLU D 82 27.56 1.38 -11.75
N THR D 83 28.85 1.32 -11.43
CA THR D 83 29.91 1.26 -12.44
C THR D 83 30.81 0.08 -12.14
N VAL D 84 31.76 -0.16 -13.06
CA VAL D 84 32.74 -1.22 -12.93
C VAL D 84 34.14 -0.61 -12.93
N ILE D 85 34.92 -0.95 -11.92
CA ILE D 85 36.31 -0.51 -11.80
C ILE D 85 37.21 -1.73 -11.83
N SER D 86 38.33 -1.62 -12.53
CA SER D 86 39.20 -2.76 -12.80
C SER D 86 40.43 -2.72 -11.90
N TYR D 87 40.74 -3.85 -11.28
CA TYR D 87 41.98 -4.02 -10.53
C TYR D 87 43.03 -4.66 -11.42
N TYR D 88 44.27 -4.18 -11.30
CA TYR D 88 45.36 -4.68 -12.11
C TYR D 88 46.61 -4.82 -11.25
N THR D 89 47.35 -5.89 -11.47
CA THR D 89 48.61 -6.10 -10.78
C THR D 89 49.71 -5.28 -11.46
N ASP D 90 50.85 -5.19 -10.77
CA ASP D 90 51.98 -4.43 -11.30
C ASP D 90 52.47 -5.03 -12.61
N MET D 91 52.57 -6.36 -12.67
CA MET D 91 53.06 -7.03 -13.86
C MET D 91 52.14 -6.78 -15.06
N GLU D 92 50.83 -6.71 -14.82
CA GLU D 92 49.90 -6.40 -15.91
C GLU D 92 50.17 -5.01 -16.47
N GLU D 93 50.44 -4.04 -15.60
CA GLU D 93 50.75 -2.69 -16.08
C GLU D 93 52.07 -2.66 -16.84
N ILE D 94 53.07 -3.41 -16.34
CA ILE D 94 54.34 -3.51 -17.07
C ILE D 94 54.10 -4.03 -18.48
N GLY D 95 53.30 -5.10 -18.59
CA GLY D 95 53.02 -5.68 -19.89
C GLY D 95 52.27 -4.74 -20.80
N ASN D 96 51.25 -4.05 -20.26
CA ASN D 96 50.48 -3.12 -21.09
C ASN D 96 51.34 -1.95 -21.57
N LEU D 97 52.25 -1.47 -20.72
CA LEU D 97 53.11 -0.36 -21.10
C LEU D 97 54.12 -0.78 -22.15
N LEU D 98 54.71 -1.98 -21.99
CA LEU D 98 55.66 -2.47 -22.99
C LEU D 98 54.98 -2.88 -24.29
N SER D 99 53.67 -3.17 -24.25
CA SER D 99 52.98 -3.55 -25.48
C SER D 99 52.83 -2.35 -26.42
N ASN D 100 52.47 -1.19 -25.87
CA ASN D 100 52.36 0.03 -26.67
C ASN D 100 53.75 0.63 -26.91
N ALA D 101 54.69 -0.20 -27.36
CA ALA D 101 56.05 0.23 -27.67
C ALA D 101 56.49 -0.46 -28.95
N ALA D 102 57.04 0.30 -29.88
CA ALA D 102 57.42 -0.25 -31.18
C ALA D 102 58.68 -1.09 -31.08
N ASN D 103 59.78 -0.49 -30.64
CA ASN D 103 61.08 -1.14 -30.61
C ASN D 103 61.73 -0.89 -29.26
N PRO D 104 62.54 -1.84 -28.77
CA PRO D 104 63.32 -1.58 -27.55
C PRO D 104 64.17 -0.32 -27.64
N VAL D 105 64.70 -0.02 -28.81
CA VAL D 105 65.44 1.23 -28.98
C VAL D 105 64.49 2.42 -28.92
N GLU D 106 63.27 2.26 -29.45
CA GLU D 106 62.28 3.33 -29.36
C GLU D 106 61.83 3.52 -27.92
N PHE D 107 61.72 2.43 -27.16
CA PHE D 107 61.43 2.54 -25.74
C PHE D 107 62.59 3.19 -24.99
N MET D 108 63.82 3.01 -25.47
CA MET D 108 64.99 3.66 -24.88
C MET D 108 65.05 5.15 -25.23
N CYS D 109 64.45 5.54 -26.36
CA CYS D 109 64.56 6.92 -26.85
C CYS D 109 64.11 7.94 -25.82
N GLN D 110 63.18 7.59 -24.95
CA GLN D 110 62.68 8.51 -23.93
C GLN D 110 63.06 8.01 -22.55
N ALA D 111 64.35 8.13 -22.24
CA ALA D 111 64.89 7.81 -20.91
C ALA D 111 65.73 8.96 -20.36
N PHE D 112 65.59 10.15 -20.93
CA PHE D 112 66.43 11.30 -20.57
C PHE D 112 65.86 12.59 -21.14
N ALA E 3 -15.33 4.54 37.63
CA ALA E 3 -16.64 4.87 37.08
C ALA E 3 -17.74 4.11 37.81
N MET E 4 -18.46 4.82 38.67
CA MET E 4 -19.60 4.22 39.36
C MET E 4 -20.65 3.74 38.37
N VAL E 5 -21.17 4.66 37.56
CA VAL E 5 -22.15 4.32 36.53
C VAL E 5 -21.79 5.05 35.24
N VAL E 6 -22.06 4.40 34.12
CA VAL E 6 -21.86 4.97 32.79
C VAL E 6 -23.19 4.79 32.06
N GLN E 7 -23.95 5.88 31.94
CA GLN E 7 -25.31 5.77 31.42
C GLN E 7 -25.51 6.83 30.33
N PRO E 8 -26.05 6.47 29.17
CA PRO E 8 -26.45 5.09 28.86
C PRO E 8 -25.28 4.23 28.40
N ASP E 9 -25.37 2.93 28.65
CA ASP E 9 -24.40 1.97 28.14
C ASP E 9 -24.85 1.37 26.80
N ARG E 10 -25.99 1.82 26.28
CA ARG E 10 -26.47 1.43 24.96
C ARG E 10 -26.84 2.68 24.18
N ILE E 11 -26.50 2.69 22.90
CA ILE E 11 -26.73 3.83 22.02
C ILE E 11 -27.37 3.33 20.73
N ARG E 12 -28.51 3.90 20.38
CA ARG E 12 -29.18 3.52 19.14
C ARG E 12 -28.45 4.11 17.94
N CYS E 13 -28.35 3.30 16.88
CA CYS E 13 -27.53 3.67 15.73
C CYS E 13 -28.12 4.89 15.03
N GLY E 14 -27.26 5.87 14.76
CA GLY E 14 -27.66 7.11 14.13
C GLY E 14 -28.19 8.16 15.08
N ALA E 15 -28.79 7.75 16.19
CA ALA E 15 -29.41 8.70 17.12
C ALA E 15 -28.31 9.37 17.94
N GLU E 16 -28.27 10.70 17.88
CA GLU E 16 -27.31 11.44 18.70
C GLU E 16 -27.62 11.23 20.18
N THR E 17 -26.61 10.80 20.93
CA THR E 17 -26.77 10.41 22.31
C THR E 17 -25.62 10.97 23.13
N THR E 18 -25.91 11.42 24.34
CA THR E 18 -24.90 11.92 25.26
C THR E 18 -24.67 10.90 26.37
N VAL E 19 -23.41 10.54 26.60
CA VAL E 19 -23.04 9.58 27.63
C VAL E 19 -22.56 10.34 28.85
N TYR E 20 -23.06 9.95 30.03
CA TYR E 20 -22.65 10.54 31.29
C TYR E 20 -21.93 9.49 32.11
N VAL E 21 -20.76 9.86 32.63
CA VAL E 21 -19.93 8.98 33.44
C VAL E 21 -19.83 9.59 34.83
N ILE E 22 -20.27 8.85 35.83
CA ILE E 22 -20.14 9.24 37.23
C ILE E 22 -18.87 8.62 37.78
N VAL E 23 -17.99 9.45 38.32
CA VAL E 23 -16.68 9.02 38.77
C VAL E 23 -16.68 8.85 40.28
N ARG E 24 -15.88 7.91 40.77
CA ARG E 24 -15.79 7.65 42.20
C ARG E 24 -14.85 8.61 42.90
N CYS E 25 -14.00 9.32 42.16
CA CYS E 25 -13.01 10.21 42.73
C CYS E 25 -13.16 11.62 42.15
N LYS E 26 -12.87 12.62 42.98
CA LYS E 26 -12.97 14.01 42.56
C LYS E 26 -12.06 14.29 41.37
N LEU E 27 -12.55 15.10 40.44
CA LEU E 27 -11.80 15.47 39.25
C LEU E 27 -11.07 16.79 39.47
N ASP E 28 -9.87 16.89 38.91
CA ASP E 28 -9.12 18.15 38.91
C ASP E 28 -9.73 19.05 37.84
N ASP E 29 -10.31 20.17 38.28
CA ASP E 29 -11.01 21.06 37.36
C ASP E 29 -10.06 21.66 36.32
N ARG E 30 -8.82 21.95 36.73
CA ARG E 30 -7.86 22.63 35.89
C ARG E 30 -7.00 21.68 35.06
N VAL E 31 -7.55 20.54 34.63
CA VAL E 31 -6.84 19.56 33.83
C VAL E 31 -7.69 19.21 32.62
N ALA E 32 -7.05 19.13 31.45
CA ALA E 32 -7.76 18.81 30.22
C ALA E 32 -8.26 17.36 30.24
N THR E 33 -9.53 17.18 29.92
CA THR E 33 -10.17 15.86 29.91
C THR E 33 -10.75 15.59 28.53
N GLU E 34 -10.54 14.36 28.04
CA GLU E 34 -11.04 13.96 26.73
C GLU E 34 -11.52 12.53 26.78
N ALA E 35 -12.15 12.07 25.69
CA ALA E 35 -12.71 10.74 25.62
C ALA E 35 -12.19 10.04 24.37
N GLU E 36 -12.16 8.71 24.41
CA GLU E 36 -11.65 7.89 23.33
C GLU E 36 -12.60 6.73 23.09
N PHE E 37 -13.23 6.71 21.91
CA PHE E 37 -14.09 5.61 21.49
C PHE E 37 -13.31 4.74 20.52
N SER E 38 -12.99 3.53 20.96
CA SER E 38 -12.28 2.57 20.13
C SER E 38 -13.26 1.52 19.63
N PRO E 39 -13.62 1.51 18.36
CA PRO E 39 -14.48 0.43 17.84
C PRO E 39 -13.71 -0.87 17.67
N GLU E 40 -14.39 -1.91 17.19
CA GLU E 40 -13.74 -3.20 17.02
C GLU E 40 -12.78 -3.17 15.84
N ASP E 41 -13.28 -2.80 14.66
CA ASP E 41 -12.46 -2.77 13.46
C ASP E 41 -12.42 -1.38 12.86
N SER E 42 -11.87 -0.42 13.60
CA SER E 42 -11.80 0.97 13.17
C SER E 42 -10.81 1.71 14.04
N PRO E 43 -10.15 2.74 13.52
CA PRO E 43 -9.23 3.52 14.36
C PRO E 43 -9.95 4.24 15.48
N SER E 44 -9.21 4.58 16.52
CA SER E 44 -9.80 5.22 17.69
C SER E 44 -10.21 6.65 17.38
N VAL E 45 -11.32 7.07 17.95
CA VAL E 45 -11.87 8.42 17.78
C VAL E 45 -11.75 9.17 19.09
N ARG E 46 -11.12 10.35 19.04
CA ARG E 46 -10.97 11.17 20.23
C ARG E 46 -12.04 12.27 20.21
N MET E 47 -12.71 12.44 21.34
CA MET E 47 -13.85 13.33 21.46
C MET E 47 -13.65 14.30 22.61
N GLU E 48 -14.19 15.50 22.45
CA GLU E 48 -14.23 16.47 23.53
C GLU E 48 -15.18 16.00 24.62
N ALA E 49 -14.70 15.97 25.87
CA ALA E 49 -15.50 15.55 27.01
C ALA E 49 -15.65 16.72 27.97
N LYS E 50 -16.89 17.02 28.32
CA LYS E 50 -17.17 18.12 29.24
C LYS E 50 -17.20 17.59 30.67
N VAL E 51 -16.45 18.25 31.55
CA VAL E 51 -16.48 17.93 32.97
C VAL E 51 -17.66 18.71 33.56
N GLU E 52 -18.78 18.01 33.76
CA GLU E 52 -19.98 18.69 34.24
C GLU E 52 -19.85 19.05 35.71
N ASN E 53 -19.21 18.19 36.50
CA ASN E 53 -18.86 18.56 37.87
C ASN E 53 -17.79 17.59 38.36
N GLU E 54 -17.38 17.80 39.62
CA GLU E 54 -16.26 17.07 40.22
C GLU E 54 -16.40 15.56 40.08
N TYR E 55 -17.62 15.04 39.89
CA TYR E 55 -17.84 13.62 39.76
C TYR E 55 -18.52 13.22 38.47
N THR E 56 -18.89 14.17 37.61
CA THR E 56 -19.70 13.87 36.43
C THR E 56 -19.01 14.41 35.20
N ILE E 57 -18.79 13.52 34.22
CA ILE E 57 -18.26 13.87 32.91
C ILE E 57 -19.33 13.56 31.87
N SER E 58 -19.42 14.41 30.85
CA SER E 58 -20.36 14.20 29.75
C SER E 58 -19.60 14.16 28.43
N VAL E 59 -20.07 13.33 27.51
CA VAL E 59 -19.42 13.22 26.20
C VAL E 59 -20.49 12.97 25.15
N LYS E 60 -20.42 13.74 24.06
CA LYS E 60 -21.29 13.54 22.91
C LYS E 60 -20.81 12.34 22.12
N ALA E 61 -21.63 11.30 22.04
CA ALA E 61 -21.19 10.07 21.38
C ALA E 61 -21.20 10.24 19.86
N PRO E 62 -20.16 9.79 19.18
CA PRO E 62 -20.12 9.91 17.72
C PRO E 62 -21.03 8.90 17.03
N ASN E 63 -21.37 9.22 15.78
CA ASN E 63 -22.21 8.35 14.97
C ASN E 63 -21.37 7.19 14.48
N LEU E 64 -21.45 6.06 15.18
CA LEU E 64 -20.69 4.86 14.85
C LEU E 64 -21.62 3.76 14.36
N SER E 65 -21.01 2.72 13.78
CA SER E 65 -21.75 1.57 13.33
C SER E 65 -22.11 0.68 14.52
N SER E 66 -22.98 -0.30 14.27
CA SER E 66 -23.44 -1.20 15.32
C SER E 66 -22.30 -2.07 15.84
N GLY E 67 -22.40 -2.43 17.11
CA GLY E 67 -21.42 -3.26 17.79
C GLY E 67 -20.99 -2.65 19.10
N ASN E 68 -19.94 -3.22 19.67
CA ASN E 68 -19.40 -2.79 20.96
C ASN E 68 -18.23 -1.83 20.75
N VAL E 69 -18.19 -0.78 21.58
CA VAL E 69 -17.14 0.23 21.51
C VAL E 69 -16.54 0.41 22.89
N SER E 70 -15.21 0.46 22.96
CA SER E 70 -14.49 0.67 24.21
C SER E 70 -14.38 2.17 24.48
N LEU E 71 -14.75 2.58 25.69
CA LEU E 71 -14.78 3.98 26.08
C LEU E 71 -13.68 4.24 27.12
N LYS E 72 -12.72 5.08 26.76
CA LYS E 72 -11.64 5.48 27.66
C LYS E 72 -11.80 6.96 27.98
N ILE E 73 -11.80 7.31 29.26
CA ILE E 73 -11.88 8.70 29.69
C ILE E 73 -10.53 9.10 30.27
N TYR E 74 -9.91 10.12 29.67
CA TYR E 74 -8.62 10.60 30.12
C TYR E 74 -8.81 11.94 30.84
N SER E 75 -8.44 11.98 32.11
CA SER E 75 -8.36 13.24 32.85
C SER E 75 -6.92 13.73 32.88
N GLY E 76 -6.38 13.96 31.68
CA GLY E 76 -5.00 14.31 31.52
C GLY E 76 -4.08 13.14 31.73
N ASP E 77 -4.02 12.24 30.75
CA ASP E 77 -3.18 11.05 30.75
C ASP E 77 -3.54 10.06 31.85
N LEU E 78 -4.66 10.25 32.53
CA LEU E 78 -5.10 9.39 33.61
C LEU E 78 -6.41 8.72 33.23
N VAL E 79 -6.41 7.40 33.18
CA VAL E 79 -7.62 6.66 32.83
C VAL E 79 -8.57 6.69 34.01
N VAL E 80 -9.60 7.53 33.91
CA VAL E 80 -10.60 7.65 34.97
C VAL E 80 -11.79 6.73 34.72
N CYS E 81 -12.05 6.35 33.47
CA CYS E 81 -13.13 5.43 33.16
C CYS E 81 -12.72 4.59 31.96
N GLU E 82 -12.93 3.29 32.05
CA GLU E 82 -12.73 2.39 30.92
C GLU E 82 -13.84 1.34 30.96
N THR E 83 -14.75 1.41 29.99
CA THR E 83 -15.90 0.53 29.92
C THR E 83 -16.24 0.26 28.46
N VAL E 84 -17.24 -0.58 28.25
CA VAL E 84 -17.69 -0.93 26.91
C VAL E 84 -19.12 -0.41 26.74
N ILE E 85 -19.38 0.18 25.58
CA ILE E 85 -20.71 0.68 25.24
C ILE E 85 -21.19 -0.07 24.01
N SER E 86 -22.51 -0.30 23.97
CA SER E 86 -23.12 -1.10 22.91
C SER E 86 -23.90 -0.20 21.97
N TYR E 87 -23.65 -0.34 20.68
CA TYR E 87 -24.47 0.30 19.65
C TYR E 87 -25.43 -0.74 19.08
N TYR E 88 -26.68 -0.32 18.87
CA TYR E 88 -27.70 -1.25 18.41
C TYR E 88 -28.54 -0.58 17.33
N THR E 89 -29.11 -1.42 16.46
CA THR E 89 -29.99 -0.97 15.41
C THR E 89 -31.45 -1.15 15.83
N ASP E 90 -32.35 -0.62 15.00
CA ASP E 90 -33.78 -0.72 15.29
C ASP E 90 -34.23 -2.17 15.32
N MET E 91 -33.82 -2.95 14.31
CA MET E 91 -34.22 -4.36 14.25
C MET E 91 -33.68 -5.14 15.44
N GLU E 92 -32.45 -4.83 15.87
CA GLU E 92 -31.90 -5.48 17.05
C GLU E 92 -32.77 -5.24 18.27
N GLU E 93 -33.24 -4.01 18.47
CA GLU E 93 -34.05 -3.71 19.64
C GLU E 93 -35.44 -4.34 19.52
N ILE E 94 -36.00 -4.38 18.31
CA ILE E 94 -37.26 -5.09 18.10
C ILE E 94 -37.12 -6.55 18.51
N GLY E 95 -36.05 -7.19 18.05
CA GLY E 95 -35.82 -8.59 18.40
C GLY E 95 -35.62 -8.79 19.89
N ASN E 96 -34.83 -7.91 20.52
CA ASN E 96 -34.60 -8.04 21.96
C ASN E 96 -35.90 -7.90 22.75
N LEU E 97 -36.76 -6.96 22.34
CA LEU E 97 -38.02 -6.77 23.04
C LEU E 97 -38.97 -7.94 22.82
N LEU E 98 -39.00 -8.49 21.60
CA LEU E 98 -39.88 -9.62 21.33
C LEU E 98 -39.49 -10.86 22.13
N SER E 99 -38.20 -11.06 22.39
CA SER E 99 -37.75 -12.21 23.17
C SER E 99 -38.15 -12.05 24.64
#